data_8JDH
#
_entry.id   8JDH
#
_cell.length_a   85.953
_cell.length_b   52.289
_cell.length_c   85.121
_cell.angle_alpha   90.000
_cell.angle_beta   105.910
_cell.angle_gamma   90.000
#
_symmetry.space_group_name_H-M   'C 1 2 1'
#
loop_
_entity.id
_entity.type
_entity.pdbx_description
1 polymer AcrIF25
2 water water
#
_entity_poly.entity_id   1
_entity_poly.type   'polypeptide(L)'
_entity_poly.pdbx_seq_one_letter_code
;(MSE)DNDDKKPDALIHLRVPAEVKGRWVKESRLEG(MSE)KLTDWITGRVEAKALSIAEVLEEAAA(MSE)ARSLEDSP
IFYRNKLCADGIVTIQQQAARFSAATDDATRLDAALWAREGYQLLSSGLPDSYSGAVPNEGRTGWVTASQ(MSE)ARLFG
GEALWIERCQQELGGAGKEDGR
;
_entity_poly.pdbx_strand_id   A,B
#
# COMPACT_ATOMS: atom_id res chain seq x y z
N ASP A 9 -4.32 21.18 -27.36
CA ASP A 9 -4.37 20.56 -26.05
C ASP A 9 -5.78 20.67 -25.47
N ALA A 10 -6.16 19.68 -24.67
CA ALA A 10 -7.45 19.67 -24.01
C ALA A 10 -7.27 20.07 -22.56
N LEU A 11 -8.37 20.43 -21.92
CA LEU A 11 -8.35 20.91 -20.55
C LEU A 11 -9.19 20.02 -19.66
N ILE A 12 -8.62 19.61 -18.53
CA ILE A 12 -9.32 18.86 -17.49
C ILE A 12 -9.34 19.71 -16.23
N HIS A 13 -10.52 19.85 -15.64
CA HIS A 13 -10.68 20.61 -14.40
C HIS A 13 -10.75 19.60 -13.26
N LEU A 14 -9.68 19.54 -12.47
CA LEU A 14 -9.54 18.58 -11.38
C LEU A 14 -9.81 19.31 -10.08
N ARG A 15 -10.89 18.93 -9.39
CA ARG A 15 -11.27 19.53 -8.12
C ARG A 15 -10.90 18.59 -6.98
N VAL A 16 -10.04 19.07 -6.08
CA VAL A 16 -9.57 18.31 -4.94
C VAL A 16 -9.55 19.20 -3.72
N PRO A 17 -9.52 18.63 -2.52
CA PRO A 17 -9.34 19.45 -1.31
C PRO A 17 -8.07 20.28 -1.39
N ALA A 18 -8.15 21.53 -0.90
CA ALA A 18 -7.00 22.42 -0.95
C ALA A 18 -5.77 21.77 -0.33
N GLU A 19 -5.96 20.94 0.70
CA GLU A 19 -4.86 20.24 1.35
C GLU A 19 -4.16 19.29 0.39
N VAL A 20 -4.96 18.52 -0.37
CA VAL A 20 -4.41 17.57 -1.32
C VAL A 20 -3.63 18.30 -2.40
N LYS A 21 -4.22 19.36 -2.96
CA LYS A 21 -3.51 20.14 -3.97
C LYS A 21 -2.21 20.70 -3.40
N GLY A 22 -2.24 21.18 -2.16
CA GLY A 22 -1.03 21.72 -1.56
C GLY A 22 0.07 20.68 -1.48
N ARG A 23 -0.30 19.46 -1.07
CA ARG A 23 0.67 18.37 -0.98
C ARG A 23 1.25 18.03 -2.36
N TRP A 24 0.40 18.00 -3.38
CA TRP A 24 0.89 17.71 -4.72
C TRP A 24 1.79 18.82 -5.25
N VAL A 25 1.40 20.07 -5.01
CA VAL A 25 2.23 21.20 -5.44
C VAL A 25 3.59 21.14 -4.76
N LYS A 26 3.60 20.83 -3.48
CA LYS A 26 4.85 20.80 -2.74
C LYS A 26 5.76 19.69 -3.26
N GLU A 27 5.19 18.51 -3.52
CA GLU A 27 6.07 17.43 -4.00
C GLU A 27 6.55 17.69 -5.42
N SER A 28 5.65 18.09 -6.33
CA SER A 28 6.06 18.48 -7.68
C SER A 28 7.17 19.52 -7.65
N ARG A 29 7.02 20.57 -6.83
CA ARG A 29 8.05 21.60 -6.82
C ARG A 29 9.34 21.10 -6.21
N LEU A 30 9.26 20.19 -5.24
CA LEU A 30 10.45 19.61 -4.64
C LEU A 30 11.26 18.83 -5.67
N GLU A 31 10.59 18.21 -6.64
CA GLU A 31 11.24 17.46 -7.70
C GLU A 31 11.60 18.32 -8.90
N GLY A 32 11.27 19.62 -8.86
CA GLY A 32 11.59 20.49 -9.97
C GLY A 32 10.70 20.31 -11.18
N LYS A 34 6.70 20.81 -13.16
CA LYS A 34 5.37 21.41 -13.21
C LYS A 34 4.35 20.42 -12.68
N LEU A 35 3.32 20.97 -12.02
CA LEU A 35 2.29 20.13 -11.41
C LEU A 35 1.62 19.23 -12.44
N THR A 36 1.29 19.77 -13.61
CA THR A 36 0.63 18.96 -14.64
C THR A 36 1.51 17.81 -15.09
N ASP A 37 2.80 18.06 -15.27
CA ASP A 37 3.70 16.98 -15.69
C ASP A 37 3.80 15.90 -14.62
N TRP A 38 3.85 16.32 -13.35
CA TRP A 38 3.94 15.38 -12.24
C TRP A 38 2.70 14.50 -12.18
N ILE A 39 1.52 15.12 -12.25
CA ILE A 39 0.27 14.37 -12.23
C ILE A 39 0.21 13.42 -13.43
N THR A 40 0.51 13.94 -14.63
CA THR A 40 0.43 13.11 -15.83
C THR A 40 1.33 11.91 -15.73
N GLY A 41 2.56 12.10 -15.24
CA GLY A 41 3.46 10.97 -15.13
C GLY A 41 2.96 9.93 -14.15
N ARG A 42 2.29 10.37 -13.08
CA ARG A 42 1.80 9.34 -12.16
C ARG A 42 0.55 8.64 -12.70
N VAL A 43 -0.25 9.32 -13.52
CA VAL A 43 -1.40 8.66 -14.10
C VAL A 43 -0.94 7.65 -15.16
N GLU A 44 0.00 8.06 -16.02
CA GLU A 44 0.41 7.16 -17.09
C GLU A 44 1.19 5.96 -16.56
N ALA A 45 1.92 6.12 -15.44
CA ALA A 45 2.75 5.01 -14.97
C ALA A 45 1.93 3.79 -14.55
N LYS A 46 0.63 3.94 -14.30
CA LYS A 46 -0.11 2.82 -13.75
C LYS A 46 -0.48 1.79 -14.81
N ALA A 47 -0.17 2.06 -16.07
CA ALA A 47 -0.30 1.09 -17.15
C ALA A 47 0.86 0.08 -17.21
N LEU A 48 1.95 0.31 -16.51
CA LEU A 48 3.07 -0.63 -16.53
C LEU A 48 2.69 -2.00 -15.99
N SER A 49 3.27 -3.04 -16.59
CA SER A 49 3.18 -4.40 -16.06
C SER A 49 3.75 -4.51 -14.65
N ILE A 50 3.22 -5.47 -13.88
CA ILE A 50 3.75 -5.80 -12.55
C ILE A 50 5.24 -6.12 -12.61
N ALA A 51 5.64 -6.94 -13.59
CA ALA A 51 7.05 -7.34 -13.69
C ALA A 51 7.96 -6.13 -13.88
N GLU A 52 7.53 -5.18 -14.72
CA GLU A 52 8.34 -3.99 -14.97
C GLU A 52 8.43 -3.11 -13.73
N VAL A 53 7.31 -2.96 -13.02
CA VAL A 53 7.34 -2.20 -11.77
C VAL A 53 8.35 -2.82 -10.80
N LEU A 54 8.28 -4.14 -10.62
CA LEU A 54 9.14 -4.78 -9.63
C LEU A 54 10.61 -4.69 -10.03
N GLU A 55 10.92 -4.83 -11.32
CA GLU A 55 12.30 -4.68 -11.78
C GLU A 55 12.83 -3.27 -11.51
N GLU A 56 12.03 -2.26 -11.85
CA GLU A 56 12.48 -0.89 -11.61
C GLU A 56 12.59 -0.58 -10.12
N ALA A 57 11.60 -1.00 -9.34
CA ALA A 57 11.58 -0.72 -7.91
C ALA A 57 12.74 -1.41 -7.21
N ALA A 58 13.05 -2.65 -7.61
CA ALA A 58 14.18 -3.33 -7.01
C ALA A 58 15.48 -2.61 -7.33
N ALA A 59 15.63 -2.12 -8.57
CA ALA A 59 16.86 -1.40 -8.90
C ALA A 59 16.99 -0.11 -8.08
N ALA A 61 15.69 0.38 -5.17
CA ALA A 61 16.00 -0.05 -3.81
C ALA A 61 17.48 -0.38 -3.66
N ARG A 62 18.07 -1.02 -4.67
CA ARG A 62 19.50 -1.28 -4.66
C ARG A 62 20.29 0.01 -4.53
N SER A 63 19.88 1.06 -5.25
CA SER A 63 20.58 2.34 -5.12
CA SER A 63 20.57 2.34 -5.12
C SER A 63 20.42 2.91 -3.72
N LEU A 64 19.23 2.78 -3.12
CA LEU A 64 19.06 3.28 -1.76
C LEU A 64 19.85 2.46 -0.74
N GLU A 65 20.00 1.15 -0.96
CA GLU A 65 20.81 0.35 -0.04
C GLU A 65 22.23 0.86 0.00
N ASP A 66 22.73 1.39 -1.12
CA ASP A 66 24.07 1.94 -1.21
C ASP A 66 24.15 3.41 -0.79
N SER A 67 23.19 3.90 -0.02
CA SER A 67 23.06 5.31 0.31
C SER A 67 22.88 5.44 1.81
N PRO A 68 23.12 6.64 2.37
CA PRO A 68 22.91 6.84 3.81
C PRO A 68 21.51 6.53 4.31
N ILE A 69 20.48 6.65 3.47
CA ILE A 69 19.11 6.41 3.95
C ILE A 69 18.99 4.98 4.48
N PHE A 70 19.77 4.05 3.92
CA PHE A 70 19.72 2.66 4.37
C PHE A 70 20.07 2.53 5.84
N TYR A 71 20.91 3.43 6.36
CA TYR A 71 21.39 3.36 7.73
C TYR A 71 20.67 4.34 8.65
N ARG A 72 19.60 4.97 8.16
CA ARG A 72 18.90 5.96 8.98
C ARG A 72 18.16 5.30 10.13
N ASN A 73 17.41 4.25 9.82
CA ASN A 73 16.68 3.51 10.85
C ASN A 73 16.28 2.16 10.27
N LYS A 74 15.75 1.30 11.15
CA LYS A 74 15.44 -0.06 10.75
C LYS A 74 14.26 -0.12 9.79
N LEU A 75 13.34 0.85 9.85
CA LEU A 75 12.24 0.87 8.90
C LEU A 75 12.75 1.00 7.47
N CYS A 76 13.68 1.93 7.26
CA CYS A 76 14.23 2.10 5.92
C CYS A 76 15.00 0.88 5.45
N ALA A 77 15.88 0.35 6.30
CA ALA A 77 16.69 -0.80 5.88
C ALA A 77 15.80 -1.99 5.55
N ASP A 78 14.85 -2.30 6.43
CA ASP A 78 13.99 -3.46 6.22
C ASP A 78 13.09 -3.27 5.00
N GLY A 79 12.60 -2.04 4.77
CA GLY A 79 11.80 -1.82 3.58
C GLY A 79 12.60 -2.01 2.31
N ILE A 80 13.83 -1.48 2.28
CA ILE A 80 14.70 -1.58 1.10
C ILE A 80 15.03 -3.04 0.79
N VAL A 81 15.36 -3.80 1.85
CA VAL A 81 15.66 -5.23 1.67
C VAL A 81 14.42 -5.98 1.21
N THR A 82 13.26 -5.68 1.79
CA THR A 82 12.04 -6.37 1.41
C THR A 82 11.71 -6.17 -0.07
N ILE A 83 11.83 -4.93 -0.56
CA ILE A 83 11.54 -4.71 -1.98
C ILE A 83 12.42 -5.63 -2.82
N GLN A 84 13.72 -5.66 -2.50
CA GLN A 84 14.61 -6.49 -3.34
C GLN A 84 14.32 -8.00 -3.21
N GLN A 85 14.13 -8.49 -1.98
CA GLN A 85 13.88 -9.91 -1.78
C GLN A 85 12.59 -10.34 -2.48
N GLN A 86 11.54 -9.52 -2.38
CA GLN A 86 10.28 -9.94 -2.99
C GLN A 86 10.29 -9.78 -4.49
N ALA A 87 11.01 -8.79 -5.04
CA ALA A 87 11.16 -8.76 -6.49
C ALA A 87 11.92 -9.99 -6.99
N ALA A 88 12.98 -10.39 -6.28
CA ALA A 88 13.74 -11.58 -6.69
C ALA A 88 12.88 -12.84 -6.59
N ARG A 89 12.09 -12.93 -5.53
CA ARG A 89 11.17 -14.05 -5.34
C ARG A 89 10.13 -14.09 -6.46
N PHE A 90 9.60 -12.93 -6.85
CA PHE A 90 8.66 -12.86 -7.96
C PHE A 90 9.30 -13.40 -9.24
N SER A 91 10.52 -12.96 -9.51
CA SER A 91 11.18 -13.37 -10.76
C SER A 91 11.46 -14.86 -10.78
N ALA A 92 11.82 -15.43 -9.63
CA ALA A 92 12.15 -16.85 -9.58
C ALA A 92 10.93 -17.77 -9.45
N ALA A 93 9.74 -17.21 -9.24
CA ALA A 93 8.57 -18.04 -8.95
C ALA A 93 8.18 -18.87 -10.17
N THR A 94 7.50 -20.00 -9.91
CA THR A 94 7.03 -20.87 -10.98
C THR A 94 5.52 -21.03 -10.98
N ASP A 95 4.80 -20.26 -10.18
CA ASP A 95 3.35 -20.29 -10.19
C ASP A 95 2.81 -18.92 -9.85
N ASP A 96 1.57 -18.67 -10.27
CA ASP A 96 0.99 -17.34 -10.12
C ASP A 96 0.69 -17.00 -8.66
N ALA A 97 0.38 -17.99 -7.83
CA ALA A 97 0.10 -17.68 -6.42
C ALA A 97 1.32 -17.09 -5.74
N THR A 98 2.50 -17.65 -6.03
CA THR A 98 3.74 -17.10 -5.47
C THR A 98 4.05 -15.73 -6.07
N ARG A 99 3.88 -15.58 -7.38
CA ARG A 99 4.07 -14.27 -7.99
C ARG A 99 3.18 -13.23 -7.34
N LEU A 100 1.91 -13.56 -7.10
CA LEU A 100 0.99 -12.61 -6.49
C LEU A 100 1.42 -12.25 -5.08
N ASP A 101 1.76 -13.27 -4.27
CA ASP A 101 2.19 -13.00 -2.91
C ASP A 101 3.42 -12.10 -2.90
N ALA A 102 4.39 -12.38 -3.78
CA ALA A 102 5.64 -11.62 -3.82
C ALA A 102 5.39 -10.19 -4.28
N ALA A 103 4.52 -9.99 -5.28
CA ALA A 103 4.27 -8.63 -5.77
C ALA A 103 3.58 -7.78 -4.71
N LEU A 104 2.64 -8.37 -3.97
CA LEU A 104 1.98 -7.65 -2.89
C LEU A 104 2.96 -7.31 -1.76
N TRP A 105 3.80 -8.27 -1.42
CA TRP A 105 4.78 -8.05 -0.36
C TRP A 105 5.83 -7.03 -0.76
N ALA A 106 6.19 -6.96 -2.06
CA ALA A 106 7.12 -5.93 -2.51
C ALA A 106 6.56 -4.54 -2.24
N ARG A 107 5.26 -4.33 -2.54
CA ARG A 107 4.71 -3.02 -2.23
C ARG A 107 4.72 -2.75 -0.73
N GLU A 108 4.46 -3.80 0.07
CA GLU A 108 4.57 -3.64 1.51
C GLU A 108 5.96 -3.14 1.92
N GLY A 109 7.00 -3.64 1.24
CA GLY A 109 8.35 -3.13 1.50
C GLY A 109 8.47 -1.65 1.21
N TYR A 110 7.88 -1.20 0.09
CA TYR A 110 7.84 0.23 -0.19
C TYR A 110 7.14 1.01 0.92
N GLN A 111 6.00 0.50 1.40
CA GLN A 111 5.25 1.22 2.44
C GLN A 111 6.06 1.30 3.74
N LEU A 112 6.78 0.23 4.08
CA LEU A 112 7.64 0.20 5.25
C LEU A 112 8.77 1.23 5.13
N LEU A 113 9.44 1.25 3.96
CA LEU A 113 10.47 2.24 3.72
C LEU A 113 9.91 3.64 3.87
N SER A 114 8.75 3.88 3.26
CA SER A 114 8.13 5.20 3.31
C SER A 114 7.89 5.65 4.74
N SER A 115 7.45 4.73 5.61
CA SER A 115 7.24 5.05 7.02
C SER A 115 8.53 5.47 7.72
N GLY A 116 9.69 5.01 7.24
CA GLY A 116 10.94 5.43 7.85
C GLY A 116 11.63 6.68 7.29
N LEU A 117 11.11 7.28 6.25
CA LEU A 117 11.84 8.38 5.63
C LEU A 117 11.66 9.67 6.42
N PRO A 118 12.63 10.58 6.35
CA PRO A 118 12.42 11.91 6.96
C PRO A 118 11.28 12.66 6.27
N ASP A 119 10.54 13.44 7.05
CA ASP A 119 9.52 14.30 6.47
C ASP A 119 9.95 15.77 6.43
N SER A 120 11.19 16.07 6.81
CA SER A 120 11.72 17.43 6.79
C SER A 120 13.19 17.37 6.38
N TYR A 121 13.75 18.52 6.02
CA TYR A 121 15.12 18.51 5.51
C TYR A 121 15.81 19.85 5.76
N SER A 122 17.14 19.78 5.83
CA SER A 122 18.02 20.94 5.95
C SER A 122 18.50 21.44 4.59
N GLY A 123 18.48 22.76 4.42
CA GLY A 123 18.91 23.39 3.20
C GLY A 123 17.78 23.72 2.25
N ALA A 124 18.18 24.06 1.02
CA ALA A 124 17.19 24.55 0.04
C ALA A 124 16.29 23.44 -0.45
N VAL A 125 16.86 22.26 -0.73
CA VAL A 125 16.11 21.07 -1.10
C VAL A 125 16.73 19.86 -0.43
N PRO A 126 16.00 18.75 -0.32
CA PRO A 126 16.56 17.57 0.35
C PRO A 126 17.72 16.98 -0.42
N ASN A 127 18.75 16.56 0.32
CA ASN A 127 19.86 15.80 -0.26
C ASN A 127 19.38 14.38 -0.54
N GLU A 128 19.35 14.00 -1.81
CA GLU A 128 18.71 12.73 -2.20
C GLU A 128 19.33 11.54 -1.47
N GLY A 129 20.66 11.52 -1.29
CA GLY A 129 21.31 10.36 -0.70
C GLY A 129 20.91 10.09 0.74
N ARG A 130 20.68 11.14 1.52
CA ARG A 130 20.34 10.92 2.91
C ARG A 130 18.84 10.97 3.19
N THR A 131 18.01 11.31 2.20
CA THR A 131 16.58 11.32 2.40
C THR A 131 15.82 10.29 1.58
N GLY A 132 16.39 9.83 0.47
CA GLY A 132 15.68 8.98 -0.48
C GLY A 132 14.42 9.60 -1.06
N TRP A 133 14.31 10.93 -1.00
CA TRP A 133 13.01 11.57 -1.16
C TRP A 133 12.42 11.36 -2.55
N VAL A 134 13.18 11.74 -3.58
CA VAL A 134 12.64 11.67 -4.94
C VAL A 134 12.60 10.23 -5.44
N THR A 135 13.57 9.40 -5.04
CA THR A 135 13.51 7.97 -5.35
C THR A 135 12.23 7.35 -4.79
N ALA A 136 11.91 7.65 -3.52
CA ALA A 136 10.67 7.16 -2.93
C ALA A 136 9.46 7.65 -3.72
N SER A 137 9.47 8.92 -4.13
CA SER A 137 8.39 9.41 -4.99
C SER A 137 8.28 8.60 -6.29
N GLN A 138 9.42 8.22 -6.88
CA GLN A 138 9.37 7.39 -8.08
C GLN A 138 8.78 6.02 -7.80
N ALA A 140 6.57 5.50 -5.45
CA ALA A 140 5.14 5.80 -5.32
C ALA A 140 4.46 5.92 -6.68
N ARG A 141 5.16 6.49 -7.66
CA ARG A 141 4.61 6.58 -9.01
C ARG A 141 4.44 5.20 -9.62
N LEU A 142 5.35 4.28 -9.31
CA LEU A 142 5.23 2.93 -9.87
C LEU A 142 4.17 2.09 -9.15
N PHE A 143 4.24 2.03 -7.82
CA PHE A 143 3.36 1.15 -7.06
C PHE A 143 1.95 1.70 -6.88
N GLY A 144 1.81 3.01 -6.80
CA GLY A 144 0.48 3.56 -6.54
C GLY A 144 -0.04 3.17 -5.17
N GLY A 145 -1.36 3.35 -5.00
CA GLY A 145 -2.00 2.98 -3.76
C GLY A 145 -2.15 1.48 -3.63
N GLU A 146 -2.35 1.02 -2.39
CA GLU A 146 -2.41 -0.42 -2.14
C GLU A 146 -3.63 -1.05 -2.81
N ALA A 147 -4.81 -0.42 -2.71
CA ALA A 147 -6.00 -1.01 -3.33
C ALA A 147 -5.81 -1.16 -4.84
N LEU A 148 -5.29 -0.12 -5.50
CA LEU A 148 -5.05 -0.21 -6.94
C LEU A 148 -3.96 -1.24 -7.27
N TRP A 149 -2.90 -1.29 -6.47
CA TRP A 149 -1.86 -2.30 -6.68
C TRP A 149 -2.44 -3.70 -6.60
N ILE A 150 -3.29 -3.93 -5.60
CA ILE A 150 -3.90 -5.25 -5.46
C ILE A 150 -4.70 -5.59 -6.70
N GLU A 151 -5.45 -4.62 -7.20
CA GLU A 151 -6.26 -4.85 -8.39
C GLU A 151 -5.39 -5.16 -9.61
N ARG A 152 -4.31 -4.39 -9.81
CA ARG A 152 -3.41 -4.64 -10.95
C ARG A 152 -2.79 -6.03 -10.84
N CYS A 153 -2.45 -6.42 -9.61
CA CYS A 153 -1.77 -7.70 -9.41
C CYS A 153 -2.73 -8.84 -9.68
N GLN A 154 -3.97 -8.70 -9.25
CA GLN A 154 -4.98 -9.74 -9.50
C GLN A 154 -5.35 -9.82 -10.96
N GLN A 155 -5.34 -8.70 -11.67
CA GLN A 155 -5.67 -8.77 -13.09
C GLN A 155 -4.57 -9.49 -13.86
N GLU A 156 -3.31 -9.37 -13.41
CA GLU A 156 -2.25 -10.06 -14.15
C GLU A 156 -1.97 -11.47 -13.62
N LEU A 157 -2.22 -11.74 -12.35
CA LEU A 157 -1.77 -12.97 -11.71
C LEU A 157 -2.87 -13.71 -10.95
N GLY A 158 -4.10 -13.23 -10.95
CA GLY A 158 -5.17 -13.86 -10.21
C GLY A 158 -5.89 -14.94 -10.98
N ASP B 9 -11.76 23.46 -0.89
CA ASP B 9 -11.59 22.88 -2.22
C ASP B 9 -10.69 23.75 -3.09
N ALA B 10 -9.89 23.11 -3.94
CA ALA B 10 -9.05 23.80 -4.89
C ALA B 10 -9.31 23.26 -6.30
N LEU B 11 -8.84 24.00 -7.29
CA LEU B 11 -8.99 23.62 -8.69
C LEU B 11 -7.60 23.45 -9.29
N ILE B 12 -7.40 22.35 -10.01
CA ILE B 12 -6.16 22.10 -10.75
C ILE B 12 -6.52 22.13 -12.22
N HIS B 13 -5.74 22.88 -13.00
CA HIS B 13 -5.96 22.99 -14.44
C HIS B 13 -4.98 22.06 -15.12
N LEU B 14 -5.49 20.95 -15.65
CA LEU B 14 -4.68 19.93 -16.30
C LEU B 14 -4.79 20.16 -17.80
N ARG B 15 -3.72 20.63 -18.42
CA ARG B 15 -3.66 20.82 -19.86
C ARG B 15 -2.90 19.65 -20.46
N VAL B 16 -3.60 18.79 -21.21
CA VAL B 16 -2.98 17.61 -21.80
C VAL B 16 -3.37 17.55 -23.27
N PRO B 17 -2.61 16.81 -24.09
CA PRO B 17 -3.03 16.62 -25.48
C PRO B 17 -4.37 15.93 -25.56
N ALA B 18 -5.20 16.37 -26.52
CA ALA B 18 -6.55 15.84 -26.67
C ALA B 18 -6.55 14.33 -26.76
N GLU B 19 -5.54 13.75 -27.43
CA GLU B 19 -5.43 12.29 -27.47
C GLU B 19 -5.35 11.71 -26.07
N VAL B 20 -4.56 12.33 -25.19
CA VAL B 20 -4.36 11.81 -23.84
C VAL B 20 -5.64 11.94 -23.03
N LYS B 21 -6.32 13.08 -23.10
CA LYS B 21 -7.58 13.21 -22.38
C LYS B 21 -8.59 12.18 -22.87
N GLY B 22 -8.66 11.96 -24.18
CA GLY B 22 -9.59 10.97 -24.69
C GLY B 22 -9.30 9.58 -24.16
N ARG B 23 -8.02 9.20 -24.15
CA ARG B 23 -7.65 7.89 -23.62
C ARG B 23 -7.99 7.78 -22.15
N TRP B 24 -7.75 8.85 -21.39
CA TRP B 24 -8.07 8.84 -19.97
C TRP B 24 -9.57 8.72 -19.76
N VAL B 25 -10.37 9.42 -20.57
CA VAL B 25 -11.82 9.35 -20.43
C VAL B 25 -12.30 7.92 -20.69
N LYS B 26 -11.73 7.28 -21.72
CA LYS B 26 -12.17 5.92 -22.03
C LYS B 26 -11.80 4.95 -20.92
N GLU B 27 -10.58 5.05 -20.39
CA GLU B 27 -10.23 4.13 -19.30
C GLU B 27 -11.01 4.46 -18.04
N SER B 28 -11.17 5.75 -17.74
CA SER B 28 -11.97 6.24 -16.63
C SER B 28 -13.34 5.59 -16.57
N ARG B 29 -14.12 5.69 -17.66
CA ARG B 29 -15.43 5.06 -17.61
C ARG B 29 -15.32 3.54 -17.74
N LEU B 30 -14.28 3.06 -18.41
CA LEU B 30 -14.06 1.62 -18.54
C LEU B 30 -13.90 0.97 -17.17
N GLU B 31 -13.28 1.67 -16.23
CA GLU B 31 -13.12 1.18 -14.87
C GLU B 31 -14.30 1.56 -13.98
N GLY B 32 -15.33 2.19 -14.54
CA GLY B 32 -16.51 2.55 -13.78
C GLY B 32 -16.36 3.78 -12.90
N LYS B 34 -15.74 8.30 -12.43
CA LYS B 34 -15.62 9.67 -12.92
C LYS B 34 -14.14 10.02 -13.11
N LEU B 35 -13.87 10.88 -14.11
CA LEU B 35 -12.50 11.16 -14.50
C LEU B 35 -11.67 11.71 -13.35
N THR B 36 -12.23 12.64 -12.57
CA THR B 36 -11.48 13.22 -11.45
C THR B 36 -11.09 12.16 -10.43
N ASP B 37 -12.01 11.26 -10.09
CA ASP B 37 -11.73 10.21 -9.11
C ASP B 37 -10.68 9.24 -9.64
N TRP B 38 -10.76 8.91 -10.94
CA TRP B 38 -9.80 8.01 -11.55
C TRP B 38 -8.39 8.62 -11.51
N ILE B 39 -8.28 9.90 -11.90
CA ILE B 39 -6.98 10.57 -11.87
C ILE B 39 -6.44 10.60 -10.45
N THR B 40 -7.25 11.05 -9.49
CA THR B 40 -6.78 11.14 -8.11
C THR B 40 -6.32 9.79 -7.60
N GLY B 41 -7.07 8.73 -7.92
CA GLY B 41 -6.71 7.39 -7.48
C GLY B 41 -5.42 6.90 -8.08
N ARG B 42 -5.06 7.41 -9.26
CA ARG B 42 -3.78 7.08 -9.86
C ARG B 42 -2.62 7.96 -9.38
N VAL B 43 -2.90 9.15 -8.86
CA VAL B 43 -1.84 10.01 -8.31
C VAL B 43 -1.44 9.60 -6.90
N GLU B 44 -2.41 9.36 -6.02
CA GLU B 44 -2.12 9.03 -4.64
C GLU B 44 -1.50 7.63 -4.53
N ALA B 45 -0.81 7.40 -3.40
CA ALA B 45 -0.11 6.14 -3.19
C ALA B 45 -0.32 5.64 -1.76
N LYS B 46 -1.57 5.68 -1.29
CA LYS B 46 -1.85 5.34 0.10
C LYS B 46 -2.06 3.84 0.32
N ALA B 47 -1.65 3.40 1.51
CA ALA B 47 -1.97 2.05 1.95
C ALA B 47 -3.45 1.96 2.30
N LEU B 48 -3.93 0.72 2.44
CA LEU B 48 -5.29 0.54 2.94
C LEU B 48 -5.35 1.12 4.33
N SER B 49 -6.45 1.78 4.66
CA SER B 49 -6.67 2.23 6.03
C SER B 49 -6.74 1.04 6.98
N ILE B 50 -6.39 1.30 8.25
CA ILE B 50 -6.63 0.30 9.29
C ILE B 50 -8.10 -0.12 9.30
N ALA B 51 -9.02 0.84 9.18
CA ALA B 51 -10.44 0.52 9.18
C ALA B 51 -10.79 -0.46 8.06
N GLU B 52 -10.22 -0.24 6.87
CA GLU B 52 -10.50 -1.13 5.75
C GLU B 52 -9.90 -2.52 5.99
N VAL B 53 -8.70 -2.57 6.54
CA VAL B 53 -8.07 -3.86 6.86
C VAL B 53 -8.95 -4.65 7.84
N LEU B 54 -9.41 -4.00 8.90
CA LEU B 54 -10.19 -4.73 9.90
C LEU B 54 -11.55 -5.15 9.34
N GLU B 55 -12.18 -4.33 8.51
CA GLU B 55 -13.43 -4.75 7.91
C GLU B 55 -13.24 -6.00 7.03
N GLU B 56 -12.18 -5.98 6.21
CA GLU B 56 -11.90 -7.14 5.36
C GLU B 56 -11.52 -8.37 6.19
N ALA B 57 -10.71 -8.17 7.24
CA ALA B 57 -10.27 -9.29 8.06
C ALA B 57 -11.44 -9.92 8.80
N ALA B 58 -12.37 -9.10 9.31
CA ALA B 58 -13.55 -9.65 9.96
C ALA B 58 -14.40 -10.44 9.00
N ALA B 59 -14.54 -9.97 7.75
CA ALA B 59 -15.29 -10.74 6.77
C ALA B 59 -14.64 -12.10 6.51
N ALA B 61 -12.66 -13.71 8.56
CA ALA B 61 -12.77 -14.49 9.78
C ALA B 61 -14.16 -15.09 9.93
N ARG B 62 -15.19 -14.34 9.56
CA ARG B 62 -16.55 -14.85 9.54
C ARG B 62 -16.65 -16.06 8.64
N SER B 63 -16.10 -15.95 7.43
CA SER B 63 -16.09 -17.10 6.51
C SER B 63 -15.38 -18.29 7.13
N LEU B 64 -14.26 -18.05 7.83
CA LEU B 64 -13.51 -19.16 8.43
C LEU B 64 -14.27 -19.79 9.59
N GLU B 65 -14.99 -18.98 10.36
CA GLU B 65 -15.80 -19.53 11.45
C GLU B 65 -16.84 -20.50 10.91
N ASP B 66 -17.31 -20.27 9.69
CA ASP B 66 -18.31 -21.12 9.05
C ASP B 66 -17.67 -22.30 8.33
N SER B 67 -16.48 -22.70 8.73
CA SER B 67 -15.69 -23.73 8.06
C SER B 67 -15.09 -24.65 9.10
N PRO B 68 -14.60 -25.83 8.69
CA PRO B 68 -13.85 -26.69 9.62
C PRO B 68 -12.65 -26.02 10.27
N ILE B 69 -12.09 -24.94 9.67
CA ILE B 69 -10.93 -24.30 10.27
C ILE B 69 -11.24 -23.84 11.69
N PHE B 70 -12.51 -23.48 11.95
CA PHE B 70 -12.84 -23.01 13.29
C PHE B 70 -12.56 -24.05 14.37
N TYR B 71 -12.74 -25.34 14.07
CA TYR B 71 -12.48 -26.34 15.10
C TYR B 71 -11.23 -27.15 14.80
N ARG B 72 -10.31 -26.61 13.96
CA ARG B 72 -9.08 -27.33 13.71
C ARG B 72 -8.24 -27.44 14.97
N ASN B 73 -8.15 -26.34 15.73
CA ASN B 73 -7.47 -26.32 17.02
C ASN B 73 -7.84 -25.01 17.71
N LYS B 74 -7.39 -24.87 18.96
CA LYS B 74 -7.79 -23.71 19.75
C LYS B 74 -7.17 -22.41 19.25
N LEU B 75 -5.98 -22.47 18.62
CA LEU B 75 -5.38 -21.26 18.08
C LEU B 75 -6.26 -20.69 16.98
N CYS B 76 -6.76 -21.56 16.09
CA CYS B 76 -7.61 -21.10 15.01
C CYS B 76 -8.91 -20.51 15.57
N ALA B 77 -9.54 -21.22 16.49
CA ALA B 77 -10.79 -20.73 17.08
C ALA B 77 -10.60 -19.38 17.75
N ASP B 78 -9.57 -19.27 18.60
CA ASP B 78 -9.35 -18.04 19.35
C ASP B 78 -9.00 -16.89 18.42
N GLY B 79 -8.21 -17.14 17.36
CA GLY B 79 -7.90 -16.07 16.42
C GLY B 79 -9.11 -15.61 15.63
N ILE B 80 -9.93 -16.55 15.14
CA ILE B 80 -11.10 -16.17 14.36
C ILE B 80 -12.06 -15.32 15.20
N VAL B 81 -12.29 -15.75 16.44
CA VAL B 81 -13.18 -14.99 17.32
C VAL B 81 -12.58 -13.62 17.65
N THR B 82 -11.29 -13.58 17.98
CA THR B 82 -10.65 -12.33 18.36
C THR B 82 -10.71 -11.30 17.23
N ILE B 83 -10.41 -11.72 16.01
CA ILE B 83 -10.46 -10.80 14.88
C ILE B 83 -11.84 -10.18 14.76
N GLN B 84 -12.88 -11.01 14.81
CA GLN B 84 -14.24 -10.45 14.65
C GLN B 84 -14.61 -9.53 15.81
N GLN B 85 -14.28 -9.92 17.03
CA GLN B 85 -14.62 -9.09 18.18
C GLN B 85 -13.92 -7.75 18.12
N GLN B 86 -12.64 -7.74 17.76
CA GLN B 86 -11.88 -6.50 17.79
C GLN B 86 -12.20 -5.62 16.58
N ALA B 87 -12.52 -6.21 15.43
CA ALA B 87 -13.00 -5.40 14.31
C ALA B 87 -14.30 -4.70 14.67
N ALA B 88 -15.22 -5.41 15.32
CA ALA B 88 -16.47 -4.77 15.72
C ALA B 88 -16.21 -3.69 16.76
N ARG B 89 -15.31 -3.95 17.70
CA ARG B 89 -14.96 -2.96 18.70
C ARG B 89 -14.37 -1.70 18.07
N PHE B 90 -13.48 -1.88 17.09
CA PHE B 90 -12.91 -0.75 16.34
C PHE B 90 -14.01 0.05 15.67
N SER B 91 -14.91 -0.64 14.99
CA SER B 91 -15.97 0.03 14.24
C SER B 91 -16.89 0.79 15.18
N ALA B 92 -17.13 0.26 16.37
CA ALA B 92 -18.04 0.91 17.30
C ALA B 92 -17.36 1.99 18.13
N ALA B 93 -16.04 2.11 18.06
CA ALA B 93 -15.33 3.02 18.93
C ALA B 93 -15.67 4.48 18.62
N THR B 94 -15.55 5.31 19.66
CA THR B 94 -15.76 6.76 19.55
C THR B 94 -14.54 7.56 19.97
N ASP B 95 -13.39 6.89 20.17
CA ASP B 95 -12.14 7.57 20.51
C ASP B 95 -10.98 6.79 19.93
N ASP B 96 -9.87 7.49 19.75
CA ASP B 96 -8.69 6.88 19.12
C ASP B 96 -8.00 5.87 20.03
N ALA B 97 -8.05 6.06 21.35
CA ALA B 97 -7.41 5.10 22.24
C ALA B 97 -8.03 3.72 22.09
N THR B 98 -9.37 3.68 21.97
CA THR B 98 -10.06 2.41 21.78
C THR B 98 -9.75 1.82 20.41
N ARG B 99 -9.75 2.67 19.38
CA ARG B 99 -9.38 2.21 18.04
C ARG B 99 -7.97 1.60 18.03
N LEU B 100 -7.01 2.27 18.68
CA LEU B 100 -5.64 1.75 18.71
C LEU B 100 -5.59 0.40 19.41
N ASP B 101 -6.22 0.30 20.58
CA ASP B 101 -6.20 -0.96 21.33
C ASP B 101 -6.85 -2.07 20.52
N ALA B 102 -7.96 -1.77 19.85
CA ALA B 102 -8.67 -2.78 19.08
C ALA B 102 -7.83 -3.22 17.88
N ALA B 103 -7.13 -2.28 17.23
CA ALA B 103 -6.30 -2.63 16.09
C ALA B 103 -5.13 -3.53 16.51
N LEU B 104 -4.55 -3.26 17.69
CA LEU B 104 -3.47 -4.11 18.16
C LEU B 104 -3.98 -5.51 18.49
N TRP B 105 -5.13 -5.60 19.15
CA TRP B 105 -5.68 -6.92 19.48
C TRP B 105 -6.16 -7.67 18.24
N ALA B 106 -6.68 -6.95 17.23
CA ALA B 106 -7.05 -7.62 15.98
C ALA B 106 -5.84 -8.26 15.34
N ARG B 107 -4.72 -7.56 15.32
CA ARG B 107 -3.52 -8.18 14.77
C ARG B 107 -3.09 -9.39 15.60
N GLU B 108 -3.21 -9.29 16.93
CA GLU B 108 -2.93 -10.48 17.77
C GLU B 108 -3.83 -11.65 17.37
N GLY B 109 -5.10 -11.38 17.06
CA GLY B 109 -5.98 -12.45 16.61
C GLY B 109 -5.52 -13.07 15.31
N TYR B 110 -5.07 -12.23 14.37
CA TYR B 110 -4.49 -12.73 13.14
C TYR B 110 -3.27 -13.60 13.44
N GLN B 111 -2.43 -13.19 14.38
CA GLN B 111 -1.25 -13.98 14.71
C GLN B 111 -1.65 -15.34 15.31
N LEU B 112 -2.68 -15.36 16.14
CA LEU B 112 -3.14 -16.65 16.68
C LEU B 112 -3.61 -17.56 15.56
N LEU B 113 -4.45 -17.04 14.67
CA LEU B 113 -4.96 -17.86 13.58
C LEU B 113 -3.83 -18.35 12.68
N SER B 114 -2.93 -17.46 12.26
CA SER B 114 -1.85 -17.92 11.39
CA SER B 114 -1.82 -17.86 11.41
C SER B 114 -0.91 -18.87 12.10
N SER B 115 -0.68 -18.70 13.41
CA SER B 115 0.13 -19.65 14.15
C SER B 115 -0.52 -21.02 14.23
N GLY B 116 -1.85 -21.07 14.18
CA GLY B 116 -2.52 -22.36 14.28
C GLY B 116 -2.67 -23.10 12.98
N LEU B 117 -2.30 -22.49 11.85
CA LEU B 117 -2.38 -23.11 10.53
C LEU B 117 -1.00 -23.49 10.05
N PRO B 118 -0.90 -24.46 9.14
CA PRO B 118 0.41 -24.74 8.54
C PRO B 118 0.93 -23.50 7.85
N ASP B 119 2.26 -23.37 7.86
CA ASP B 119 2.90 -22.27 7.14
C ASP B 119 2.55 -22.40 5.67
N SER B 120 2.10 -21.29 5.07
CA SER B 120 1.69 -21.26 3.67
C SER B 120 0.52 -22.21 3.40
N TYR B 121 -0.44 -22.29 4.32
CA TYR B 121 -1.57 -23.20 4.14
C TYR B 121 -2.41 -22.77 2.95
N SER B 122 -3.04 -23.74 2.28
CA SER B 122 -4.06 -23.47 1.26
C SER B 122 -5.44 -23.65 1.87
N GLY B 123 -6.31 -22.66 1.69
CA GLY B 123 -7.59 -22.61 2.37
C GLY B 123 -8.77 -23.04 1.53
N ALA B 124 -9.95 -22.64 1.99
CA ALA B 124 -11.22 -23.05 1.37
C ALA B 124 -12.29 -22.07 1.81
N VAL B 125 -12.91 -21.38 0.85
CA VAL B 125 -13.99 -20.45 1.13
C VAL B 125 -15.19 -21.19 1.72
N TRP B 133 -4.65 -19.01 -0.07
CA TRP B 133 -5.57 -19.43 0.99
C TRP B 133 -6.43 -18.28 1.46
N VAL B 134 -7.70 -18.56 1.68
CA VAL B 134 -8.54 -17.56 2.34
C VAL B 134 -7.94 -17.19 3.69
N THR B 135 -7.28 -18.13 4.35
CA THR B 135 -6.64 -17.76 5.60
C THR B 135 -5.22 -17.23 5.39
N ALA B 136 -4.36 -18.01 4.74
CA ALA B 136 -2.92 -17.89 5.03
C ALA B 136 -2.21 -16.77 4.27
N SER B 137 -2.15 -16.88 2.94
CA SER B 137 -1.50 -15.83 2.16
C SER B 137 -2.26 -14.52 2.29
N GLN B 138 -3.56 -14.57 1.98
CA GLN B 138 -4.38 -13.36 1.95
C GLN B 138 -4.26 -12.57 3.24
N ALA B 140 -2.15 -12.67 5.56
CA ALA B 140 -0.79 -12.22 5.85
C ALA B 140 -0.47 -10.93 5.11
N ARG B 141 -0.91 -10.83 3.85
CA ARG B 141 -0.68 -9.62 3.06
C ARG B 141 -1.57 -8.48 3.52
N LEU B 142 -2.73 -8.80 4.08
CA LEU B 142 -3.66 -7.77 4.56
C LEU B 142 -3.09 -7.07 5.79
N PHE B 143 -2.62 -7.84 6.78
CA PHE B 143 -2.09 -7.24 7.99
C PHE B 143 -0.65 -6.75 7.82
N GLY B 144 0.12 -7.35 6.91
CA GLY B 144 1.49 -6.96 6.71
C GLY B 144 2.38 -7.26 7.92
N GLY B 145 3.57 -6.67 7.88
CA GLY B 145 4.54 -6.86 8.94
C GLY B 145 4.22 -6.05 10.18
N GLU B 146 4.83 -6.46 11.29
CA GLU B 146 4.52 -5.85 12.59
C GLU B 146 4.96 -4.40 12.67
N ALA B 147 6.21 -4.12 12.27
CA ALA B 147 6.71 -2.75 12.37
C ALA B 147 5.87 -1.80 11.52
N LEU B 148 5.53 -2.24 10.30
CA LEU B 148 4.70 -1.42 9.43
C LEU B 148 3.30 -1.24 10.00
N TRP B 149 2.71 -2.32 10.54
CA TRP B 149 1.40 -2.19 11.17
C TRP B 149 1.40 -1.13 12.26
N ILE B 150 2.44 -1.14 13.10
CA ILE B 150 2.51 -0.15 14.18
C ILE B 150 2.62 1.28 13.63
N GLU B 151 3.44 1.47 12.58
CA GLU B 151 3.52 2.81 11.99
C GLU B 151 2.17 3.25 11.39
N ARG B 152 1.46 2.34 10.70
CA ARG B 152 0.16 2.67 10.14
C ARG B 152 -0.84 3.01 11.24
N CYS B 153 -0.76 2.29 12.36
CA CYS B 153 -1.71 2.52 13.43
C CYS B 153 -1.45 3.87 14.08
N GLN B 154 -0.17 4.21 14.25
CA GLN B 154 0.14 5.49 14.86
C GLN B 154 -0.21 6.66 13.94
N GLN B 155 -0.01 6.49 12.63
CA GLN B 155 -0.32 7.60 11.73
C GLN B 155 -1.81 7.81 11.55
N GLU B 156 -2.61 6.74 11.61
CA GLU B 156 -4.04 6.91 11.41
C GLU B 156 -4.79 7.21 12.70
N LEU B 157 -4.27 6.73 13.83
CA LEU B 157 -5.00 6.74 15.09
C LEU B 157 -4.24 7.40 16.23
N GLY B 158 -3.01 7.85 16.00
CA GLY B 158 -2.20 8.45 17.04
C GLY B 158 -2.37 9.94 17.19
N GLY B 159 -3.28 10.56 16.43
CA GLY B 159 -3.45 12.00 16.45
C GLY B 159 -3.19 12.66 15.11
N ALA B 160 -3.87 13.77 14.85
CA ALA B 160 -3.72 14.45 13.58
C ALA B 160 -2.52 15.40 13.61
#